data_1HE4
#
_entry.id   1HE4
#
_cell.length_a   40.100
_cell.length_b   49.300
_cell.length_c   106.900
_cell.angle_alpha   90.00
_cell.angle_beta   90.00
_cell.angle_gamma   90.00
#
_symmetry.space_group_name_H-M   'P 21 21 21'
#
loop_
_entity.id
_entity.type
_entity.pdbx_description
1 polymer 'BILIVERDIN IX BETA REDUCTASE'
2 non-polymer 'NADP NICOTINAMIDE-ADENINE-DINUCLEOTIDE PHOSPHATE'
3 non-polymer 'FLAVIN MONONUCLEOTIDE'
4 water water
#
_entity_poly.entity_id   1
_entity_poly.type   'polypeptide(L)'
_entity_poly.pdbx_seq_one_letter_code
;MAVKKIAIFGATGQTGLTTLAQAVQAGYEVTVLVRDSSRLPSEGPRPAHVVVGDVLQAADVDKTVAGQDAVIVLLGTRND
LSPTTVMSEGARNIVAAMKAHGVDKVVACTSAFLLWDPTKVPPRLQAVTDDHIRMHKVLRESGLKYVAVMPPHIGDQPLT
GAYTVTLDGRGPSRVISKHDLGHFMLRCLTTDEYDGHSTYPSHQYQ
;
_entity_poly.pdbx_strand_id   A
#
loop_
_chem_comp.id
_chem_comp.type
_chem_comp.name
_chem_comp.formula
FMN non-polymer 'FLAVIN MONONUCLEOTIDE' 'C17 H21 N4 O9 P'
NAP non-polymer 'NADP NICOTINAMIDE-ADENINE-DINUCLEOTIDE PHOSPHATE' 'C21 H28 N7 O17 P3'
#
# COMPACT_ATOMS: atom_id res chain seq x y z
N MET A 1 3.14 22.44 -3.27
CA MET A 1 1.83 21.78 -3.23
C MET A 1 1.84 20.47 -2.48
N ALA A 2 1.49 20.49 -1.18
CA ALA A 2 1.45 19.19 -0.50
C ALA A 2 0.31 18.28 -0.95
N VAL A 3 0.51 16.98 -0.79
CA VAL A 3 -0.64 16.07 -1.01
C VAL A 3 -1.73 16.36 0.01
N LYS A 4 -3.00 16.45 -0.38
CA LYS A 4 -4.12 16.68 0.55
C LYS A 4 -5.12 15.54 0.46
N LYS A 5 -5.41 15.13 -0.77
CA LYS A 5 -6.43 14.13 -1.04
C LYS A 5 -5.78 12.82 -1.44
N ILE A 6 -6.14 11.74 -0.74
CA ILE A 6 -5.55 10.46 -1.17
C ILE A 6 -6.63 9.40 -1.26
N ALA A 7 -6.38 8.44 -2.14
CA ALA A 7 -7.14 7.20 -2.09
C ALA A 7 -6.32 6.09 -1.43
N ILE A 8 -7.00 5.29 -0.61
CA ILE A 8 -6.34 4.09 -0.06
C ILE A 8 -7.07 2.86 -0.58
N PHE A 9 -6.31 1.94 -1.15
CA PHE A 9 -6.86 0.62 -1.54
C PHE A 9 -6.40 -0.37 -0.50
N GLY A 10 -7.27 -1.29 -0.10
CA GLY A 10 -6.96 -2.22 0.98
C GLY A 10 -7.10 -1.56 2.35
N ALA A 11 -7.94 -0.55 2.50
CA ALA A 11 -8.02 0.16 3.77
C ALA A 11 -8.64 -0.65 4.89
N THR A 12 -9.29 -1.77 4.57
CA THR A 12 -9.95 -2.56 5.62
C THR A 12 -9.06 -3.70 6.09
N GLY A 13 -7.88 -3.84 5.51
CA GLY A 13 -6.96 -4.89 5.92
C GLY A 13 -6.20 -4.47 7.17
N GLN A 14 -5.29 -5.37 7.57
CA GLN A 14 -4.58 -5.18 8.84
C GLN A 14 -3.83 -3.86 8.86
N THR A 15 -3.04 -3.64 7.81
CA THR A 15 -2.26 -2.39 7.74
C THR A 15 -3.15 -1.27 7.24
N GLY A 16 -4.09 -1.60 6.35
CA GLY A 16 -4.95 -0.51 5.82
C GLY A 16 -5.73 0.19 6.91
N LEU A 17 -6.26 -0.53 7.89
CA LEU A 17 -7.11 0.12 8.87
C LEU A 17 -6.33 1.19 9.63
N THR A 18 -5.10 0.82 10.06
CA THR A 18 -4.35 1.81 10.82
C THR A 18 -3.78 2.91 9.93
N THR A 19 -3.43 2.59 8.69
CA THR A 19 -3.02 3.65 7.76
C THR A 19 -4.15 4.62 7.52
N LEU A 20 -5.37 4.11 7.35
CA LEU A 20 -6.54 4.97 7.20
C LEU A 20 -6.75 5.85 8.41
N ALA A 21 -6.74 5.27 9.62
CA ALA A 21 -6.95 6.06 10.83
C ALA A 21 -5.86 7.14 10.94
N GLN A 22 -4.61 6.76 10.69
CA GLN A 22 -3.52 7.74 10.80
C GLN A 22 -3.66 8.84 9.78
N ALA A 23 -4.03 8.44 8.54
CA ALA A 23 -4.12 9.48 7.49
C ALA A 23 -5.18 10.51 7.84
N VAL A 24 -6.35 10.02 8.31
CA VAL A 24 -7.40 10.99 8.66
C VAL A 24 -6.94 11.83 9.83
N GLN A 25 -6.33 11.18 10.83
CA GLN A 25 -5.91 11.99 11.99
C GLN A 25 -4.89 13.04 11.56
N ALA A 26 -4.05 12.74 10.58
CA ALA A 26 -3.00 13.65 10.11
C ALA A 26 -3.54 14.80 9.28
N GLY A 27 -4.80 14.73 8.84
CA GLY A 27 -5.36 15.86 8.11
C GLY A 27 -5.65 15.58 6.65
N TYR A 28 -5.37 14.35 6.18
CA TYR A 28 -5.65 14.06 4.77
C TYR A 28 -7.15 13.90 4.57
N GLU A 29 -7.60 14.20 3.36
CA GLU A 29 -8.97 13.92 2.94
C GLU A 29 -8.92 12.57 2.20
N VAL A 30 -9.47 11.55 2.85
CA VAL A 30 -9.21 10.20 2.40
C VAL A 30 -10.45 9.57 1.77
N THR A 31 -10.23 8.98 0.62
CA THR A 31 -11.24 8.15 -0.07
C THR A 31 -10.80 6.70 -0.02
N VAL A 32 -11.70 5.79 0.28
CA VAL A 32 -11.38 4.36 0.29
C VAL A 32 -12.30 3.63 -0.66
N LEU A 33 -11.79 2.56 -1.28
CA LEU A 33 -12.58 1.62 -2.04
C LEU A 33 -12.71 0.34 -1.21
N VAL A 34 -13.95 -0.03 -0.87
CA VAL A 34 -14.14 -1.22 -0.05
C VAL A 34 -15.24 -2.07 -0.66
N ARG A 35 -15.08 -3.39 -0.60
CA ARG A 35 -16.14 -4.27 -1.08
C ARG A 35 -17.28 -4.34 -0.09
N ASP A 36 -16.92 -4.27 1.18
CA ASP A 36 -17.90 -4.46 2.25
C ASP A 36 -17.67 -3.39 3.30
N SER A 37 -18.57 -2.40 3.35
CA SER A 37 -18.35 -1.28 4.27
C SER A 37 -18.49 -1.68 5.74
N SER A 38 -19.03 -2.86 6.05
CA SER A 38 -19.10 -3.25 7.46
C SER A 38 -17.71 -3.54 8.03
N ARG A 39 -16.72 -3.65 7.14
CA ARG A 39 -15.37 -3.88 7.62
C ARG A 39 -14.63 -2.60 7.98
N LEU A 40 -15.28 -1.46 7.79
CA LEU A 40 -14.71 -0.19 8.29
C LEU A 40 -15.21 0.05 9.70
N PRO A 41 -14.40 0.59 10.58
CA PRO A 41 -14.86 0.83 11.95
C PRO A 41 -15.76 2.05 12.09
N SER A 42 -16.54 2.06 13.17
CA SER A 42 -17.29 3.23 13.59
C SER A 42 -16.48 4.15 14.51
N GLU A 43 -15.74 3.56 15.47
CA GLU A 43 -14.99 4.44 16.35
C GLU A 43 -13.73 4.92 15.64
N GLY A 44 -13.18 6.01 16.15
CA GLY A 44 -11.93 6.52 15.63
C GLY A 44 -12.15 7.38 14.39
N PRO A 45 -11.04 7.79 13.79
CA PRO A 45 -11.09 8.61 12.58
C PRO A 45 -11.78 7.89 11.42
N ARG A 46 -12.49 8.65 10.60
CA ARG A 46 -13.34 8.11 9.56
C ARG A 46 -12.97 8.73 8.22
N PRO A 47 -12.98 7.95 7.16
CA PRO A 47 -12.62 8.49 5.85
C PRO A 47 -13.64 9.53 5.42
N ALA A 48 -13.17 10.46 4.59
CA ALA A 48 -14.08 11.47 4.05
C ALA A 48 -15.03 10.89 3.05
N HIS A 49 -14.59 9.90 2.28
CA HIS A 49 -15.38 9.38 1.16
C HIS A 49 -15.22 7.85 1.11
N VAL A 50 -16.35 7.16 0.94
CA VAL A 50 -16.32 5.69 0.86
C VAL A 50 -16.95 5.27 -0.47
N VAL A 51 -16.16 4.57 -1.29
CA VAL A 51 -16.69 4.00 -2.52
C VAL A 51 -16.87 2.51 -2.31
N VAL A 52 -18.08 2.01 -2.59
CA VAL A 52 -18.28 0.58 -2.43
C VAL A 52 -18.06 -0.08 -3.80
N GLY A 53 -17.16 -1.04 -3.85
CA GLY A 53 -16.85 -1.70 -5.11
C GLY A 53 -15.60 -2.54 -5.00
N ASP A 54 -15.06 -2.89 -6.17
CA ASP A 54 -14.03 -3.91 -6.27
C ASP A 54 -12.83 -3.38 -7.05
N VAL A 55 -11.62 -3.66 -6.57
CA VAL A 55 -10.44 -3.16 -7.30
C VAL A 55 -10.29 -3.83 -8.65
N LEU A 56 -11.02 -4.94 -8.86
CA LEU A 56 -10.97 -5.62 -10.16
C LEU A 56 -11.89 -4.99 -11.18
N GLN A 57 -12.70 -4.04 -10.75
CA GLN A 57 -13.65 -3.37 -11.64
C GLN A 57 -13.09 -1.97 -11.95
N ALA A 58 -12.69 -1.79 -13.19
CA ALA A 58 -12.08 -0.53 -13.58
C ALA A 58 -12.95 0.65 -13.19
N ALA A 59 -14.27 0.59 -13.37
CA ALA A 59 -15.09 1.77 -13.10
C ALA A 59 -15.05 2.13 -11.63
N ASP A 60 -14.96 1.12 -10.79
CA ASP A 60 -14.95 1.35 -9.34
C ASP A 60 -13.64 2.04 -8.94
N VAL A 61 -12.56 1.53 -9.54
CA VAL A 61 -11.24 2.11 -9.30
C VAL A 61 -11.20 3.53 -9.83
N ASP A 62 -11.77 3.72 -11.01
CA ASP A 62 -11.73 5.08 -11.56
C ASP A 62 -12.42 6.09 -10.66
N LYS A 63 -13.57 5.70 -10.11
CA LYS A 63 -14.35 6.56 -9.21
C LYS A 63 -13.53 6.92 -7.98
N THR A 64 -12.68 5.99 -7.55
CA THR A 64 -11.92 6.18 -6.33
C THR A 64 -10.71 7.07 -6.56
N VAL A 65 -10.07 6.94 -7.72
CA VAL A 65 -8.84 7.68 -8.01
C VAL A 65 -9.14 9.09 -8.48
N ALA A 66 -10.32 9.33 -9.06
CA ALA A 66 -10.62 10.68 -9.55
C ALA A 66 -10.46 11.74 -8.46
N GLY A 67 -9.75 12.81 -8.81
CA GLY A 67 -9.61 13.92 -7.89
C GLY A 67 -8.48 13.79 -6.89
N GLN A 68 -7.77 12.67 -6.82
CA GLN A 68 -6.82 12.50 -5.74
C GLN A 68 -5.49 13.15 -6.07
N ASP A 69 -4.70 13.39 -5.02
CA ASP A 69 -3.32 13.80 -5.20
C ASP A 69 -2.34 12.63 -5.19
N ALA A 70 -2.68 11.53 -4.53
CA ALA A 70 -1.82 10.37 -4.44
C ALA A 70 -2.63 9.15 -4.07
N VAL A 71 -1.98 8.00 -4.23
CA VAL A 71 -2.66 6.72 -3.97
C VAL A 71 -1.77 5.86 -3.07
N ILE A 72 -2.38 5.26 -2.06
CA ILE A 72 -1.71 4.24 -1.25
C ILE A 72 -2.36 2.89 -1.53
N VAL A 73 -1.50 1.90 -1.76
CA VAL A 73 -1.97 0.56 -2.07
C VAL A 73 -1.52 -0.42 -0.98
N LEU A 74 -2.54 -0.96 -0.32
CA LEU A 74 -2.36 -1.96 0.75
C LEU A 74 -3.27 -3.16 0.48
N LEU A 75 -3.39 -3.47 -0.80
CA LEU A 75 -4.10 -4.68 -1.22
C LEU A 75 -3.40 -5.94 -0.75
N GLY A 76 -4.19 -7.00 -0.55
CA GLY A 76 -3.60 -8.28 -0.17
C GLY A 76 -4.69 -9.34 -0.25
N THR A 77 -4.35 -10.54 0.17
CA THR A 77 -5.27 -11.66 0.00
C THR A 77 -5.70 -12.28 1.33
N ARG A 78 -5.53 -11.50 2.39
CA ARG A 78 -5.81 -11.96 3.77
C ARG A 78 -5.17 -13.32 4.00
N ASN A 79 -5.91 -14.38 4.34
CA ASN A 79 -5.21 -15.63 4.61
C ASN A 79 -5.17 -16.57 3.40
N ASP A 80 -5.62 -16.07 2.25
CA ASP A 80 -5.68 -16.90 1.06
C ASP A 80 -4.32 -16.96 0.39
N LEU A 81 -3.71 -18.14 0.35
CA LEU A 81 -2.40 -18.25 -0.28
C LEU A 81 -2.44 -18.85 -1.67
N SER A 82 -3.62 -18.98 -2.26
CA SER A 82 -3.71 -19.65 -3.56
C SER A 82 -3.13 -18.78 -4.68
N PRO A 83 -2.80 -19.38 -5.81
CA PRO A 83 -2.44 -18.60 -7.01
C PRO A 83 -3.45 -17.50 -7.27
N THR A 84 -2.90 -16.34 -7.65
CA THR A 84 -3.74 -15.15 -7.57
C THR A 84 -3.19 -14.05 -8.48
N THR A 85 -4.12 -13.29 -9.04
CA THR A 85 -3.74 -12.09 -9.77
C THR A 85 -4.50 -10.88 -9.25
N VAL A 86 -5.12 -10.99 -8.06
CA VAL A 86 -5.95 -9.88 -7.59
C VAL A 86 -5.15 -8.60 -7.45
N MET A 87 -3.99 -8.71 -6.78
CA MET A 87 -3.19 -7.50 -6.53
C MET A 87 -2.68 -6.90 -7.84
N SER A 88 -2.13 -7.73 -8.72
CA SER A 88 -1.56 -7.16 -9.95
C SER A 88 -2.64 -6.64 -10.87
N GLU A 89 -3.76 -7.35 -11.00
CA GLU A 89 -4.86 -6.81 -11.84
C GLU A 89 -5.40 -5.54 -11.20
N GLY A 90 -5.53 -5.50 -9.86
CA GLY A 90 -5.93 -4.26 -9.19
C GLY A 90 -4.96 -3.13 -9.50
N ALA A 91 -3.65 -3.41 -9.43
CA ALA A 91 -2.68 -2.37 -9.75
C ALA A 91 -2.81 -1.91 -11.19
N ARG A 92 -3.06 -2.84 -12.12
CA ARG A 92 -3.32 -2.41 -13.51
C ARG A 92 -4.45 -1.40 -13.56
N ASN A 93 -5.55 -1.69 -12.86
CA ASN A 93 -6.67 -0.75 -12.89
C ASN A 93 -6.28 0.57 -12.24
N ILE A 94 -5.52 0.49 -11.15
CA ILE A 94 -5.13 1.72 -10.46
C ILE A 94 -4.28 2.60 -11.35
N VAL A 95 -3.31 2.00 -12.05
CA VAL A 95 -2.43 2.79 -12.91
C VAL A 95 -3.23 3.44 -14.02
N ALA A 96 -4.17 2.67 -14.59
CA ALA A 96 -4.97 3.24 -15.68
C ALA A 96 -5.80 4.40 -15.17
N ALA A 97 -6.36 4.26 -13.96
CA ALA A 97 -7.20 5.32 -13.43
C ALA A 97 -6.35 6.52 -13.08
N MET A 98 -5.15 6.28 -12.53
CA MET A 98 -4.26 7.42 -12.25
C MET A 98 -3.93 8.23 -13.49
N LYS A 99 -3.59 7.51 -14.57
CA LYS A 99 -3.25 8.19 -15.82
C LYS A 99 -4.47 8.90 -16.39
N ALA A 100 -5.66 8.30 -16.26
CA ALA A 100 -6.87 8.94 -16.79
C ALA A 100 -7.20 10.22 -16.02
N HIS A 101 -6.75 10.37 -14.77
CA HIS A 101 -7.15 11.46 -13.89
C HIS A 101 -5.99 12.36 -13.51
N GLY A 102 -4.81 12.14 -14.09
CA GLY A 102 -3.72 13.05 -13.83
C GLY A 102 -3.03 12.85 -12.50
N VAL A 103 -3.27 11.72 -11.83
CA VAL A 103 -2.63 11.47 -10.54
C VAL A 103 -1.30 10.78 -10.76
N ASP A 104 -0.27 11.25 -10.03
CA ASP A 104 1.07 10.81 -10.43
C ASP A 104 1.90 10.22 -9.31
N LYS A 105 1.34 9.95 -8.13
CA LYS A 105 2.11 9.45 -6.99
C LYS A 105 1.41 8.23 -6.41
N VAL A 106 2.12 7.12 -6.33
CA VAL A 106 1.57 5.89 -5.75
C VAL A 106 2.60 5.25 -4.83
N VAL A 107 2.11 4.91 -3.65
CA VAL A 107 2.96 4.27 -2.65
C VAL A 107 2.36 2.90 -2.42
N ALA A 108 3.05 1.80 -2.74
CA ALA A 108 2.38 0.50 -2.76
C ALA A 108 3.18 -0.57 -2.06
N CYS A 109 2.47 -1.35 -1.27
CA CYS A 109 3.12 -2.39 -0.45
C CYS A 109 3.16 -3.73 -1.15
N THR A 110 4.35 -4.30 -1.23
CA THR A 110 4.48 -5.69 -1.67
C THR A 110 5.13 -6.45 -0.51
N SER A 111 6.39 -6.82 -0.58
CA SER A 111 7.00 -7.55 0.52
C SER A 111 8.51 -7.59 0.38
N ALA A 112 9.18 -7.77 1.51
CA ALA A 112 10.63 -7.84 1.53
C ALA A 112 11.14 -9.05 0.75
N PHE A 113 10.29 -10.04 0.45
CA PHE A 113 10.76 -11.14 -0.40
C PHE A 113 11.27 -10.66 -1.75
N LEU A 114 10.78 -9.50 -2.18
CA LEU A 114 11.24 -8.94 -3.45
C LEU A 114 12.60 -8.28 -3.32
N LEU A 115 13.17 -8.18 -2.14
CA LEU A 115 14.52 -7.69 -1.89
C LEU A 115 15.46 -8.81 -1.48
N TRP A 116 14.94 -9.79 -0.77
CA TRP A 116 15.73 -10.95 -0.33
C TRP A 116 15.98 -11.94 -1.44
N ASP A 117 16.88 -12.89 -1.20
CA ASP A 117 17.19 -13.97 -2.13
C ASP A 117 15.91 -14.63 -2.61
N PRO A 118 15.62 -14.52 -3.89
CA PRO A 118 14.31 -14.91 -4.43
C PRO A 118 14.11 -16.43 -4.48
N THR A 119 15.09 -17.17 -3.98
CA THR A 119 15.03 -18.60 -3.81
C THR A 119 14.86 -18.99 -2.33
N LYS A 120 14.69 -18.04 -1.43
CA LYS A 120 14.38 -18.30 -0.02
C LYS A 120 12.96 -17.92 0.38
N VAL A 121 12.03 -17.84 -0.56
CA VAL A 121 10.63 -17.63 -0.20
C VAL A 121 10.01 -18.93 0.30
N PRO A 122 9.39 -18.94 1.48
CA PRO A 122 8.74 -20.18 1.90
C PRO A 122 7.73 -20.67 0.86
N PRO A 123 7.74 -21.96 0.55
CA PRO A 123 6.85 -22.50 -0.48
C PRO A 123 5.40 -22.05 -0.37
N ARG A 124 4.81 -21.97 0.81
CA ARG A 124 3.40 -21.62 0.86
C ARG A 124 3.14 -20.17 0.51
N LEU A 125 4.17 -19.32 0.52
CA LEU A 125 3.98 -17.93 0.13
C LEU A 125 4.40 -17.65 -1.30
N GLN A 126 4.81 -18.67 -2.05
CA GLN A 126 5.37 -18.37 -3.38
C GLN A 126 4.33 -17.81 -4.34
N ALA A 127 3.09 -18.32 -4.27
CA ALA A 127 2.09 -17.85 -5.24
C ALA A 127 1.73 -16.39 -5.03
N VAL A 128 1.56 -16.02 -3.76
CA VAL A 128 1.29 -14.63 -3.46
C VAL A 128 2.48 -13.76 -3.84
N THR A 129 3.69 -14.22 -3.51
CA THR A 129 4.88 -13.48 -3.90
C THR A 129 4.98 -13.30 -5.41
N ASP A 130 4.62 -14.29 -6.21
CA ASP A 130 4.65 -14.14 -7.66
C ASP A 130 3.70 -13.02 -8.08
N ASP A 131 2.54 -12.87 -7.42
CA ASP A 131 1.66 -11.76 -7.78
C ASP A 131 2.19 -10.43 -7.25
N HIS A 132 2.87 -10.43 -6.10
CA HIS A 132 3.52 -9.20 -5.70
C HIS A 132 4.52 -8.75 -6.76
N ILE A 133 5.26 -9.72 -7.31
CA ILE A 133 6.24 -9.38 -8.36
C ILE A 133 5.53 -8.83 -9.57
N ARG A 134 4.42 -9.45 -9.98
CA ARG A 134 3.69 -8.85 -11.11
C ARG A 134 3.21 -7.46 -10.78
N MET A 135 2.72 -7.26 -9.55
CA MET A 135 2.23 -5.92 -9.19
C MET A 135 3.37 -4.90 -9.20
N HIS A 136 4.53 -5.28 -8.68
CA HIS A 136 5.68 -4.37 -8.70
C HIS A 136 6.03 -4.00 -10.11
N LYS A 137 6.00 -5.00 -11.01
CA LYS A 137 6.34 -4.70 -12.40
C LYS A 137 5.36 -3.70 -12.99
N VAL A 138 4.07 -3.90 -12.79
CA VAL A 138 3.04 -2.98 -13.30
C VAL A 138 3.33 -1.57 -12.82
N LEU A 139 3.62 -1.43 -11.52
CA LEU A 139 3.82 -0.08 -10.99
C LEU A 139 5.13 0.52 -11.46
N ARG A 140 6.20 -0.30 -11.54
CA ARG A 140 7.45 0.35 -11.95
C ARG A 140 7.41 0.72 -13.42
N GLU A 141 6.66 -0.01 -14.24
CA GLU A 141 6.65 0.31 -15.65
C GLU A 141 5.62 1.36 -16.02
N SER A 142 4.84 1.81 -15.06
CA SER A 142 3.80 2.80 -15.31
C SER A 142 4.36 4.18 -15.62
N GLY A 143 5.60 4.45 -15.20
CA GLY A 143 6.38 5.65 -15.29
CA GLY A 143 6.01 5.84 -15.54
C GLY A 143 5.96 6.66 -14.24
C GLY A 143 5.27 6.83 -14.67
N LEU A 144 4.92 6.33 -13.47
CA LEU A 144 4.39 7.25 -12.45
C LEU A 144 5.39 7.31 -11.31
N LYS A 145 5.22 8.30 -10.43
CA LYS A 145 6.13 8.33 -9.28
C LYS A 145 5.68 7.26 -8.28
N TYR A 146 6.52 6.24 -8.10
CA TYR A 146 6.13 5.02 -7.41
C TYR A 146 7.15 4.77 -6.30
N VAL A 147 6.65 4.70 -5.08
CA VAL A 147 7.48 4.21 -3.99
C VAL A 147 7.09 2.76 -3.68
N ALA A 148 8.03 1.84 -3.84
CA ALA A 148 7.78 0.42 -3.57
C ALA A 148 8.14 0.15 -2.13
N VAL A 149 7.15 -0.22 -1.32
CA VAL A 149 7.34 -0.51 0.10
C VAL A 149 7.34 -2.03 0.26
N MET A 150 8.46 -2.55 0.76
CA MET A 150 8.71 -3.99 0.78
C MET A 150 8.98 -4.46 2.19
N PRO A 151 7.93 -4.57 3.01
CA PRO A 151 8.14 -4.85 4.43
C PRO A 151 8.44 -6.31 4.72
N PRO A 152 9.08 -6.56 5.84
CA PRO A 152 9.19 -7.92 6.39
C PRO A 152 7.91 -8.27 7.12
N HIS A 153 7.99 -9.23 8.05
CA HIS A 153 6.80 -9.60 8.79
C HIS A 153 6.11 -8.38 9.41
N ILE A 154 4.79 -8.30 9.23
CA ILE A 154 3.99 -7.21 9.76
C ILE A 154 3.44 -7.63 11.11
N GLY A 155 3.85 -6.93 12.16
CA GLY A 155 3.41 -7.24 13.50
C GLY A 155 2.38 -6.28 14.07
N ASP A 156 2.04 -6.48 15.35
CA ASP A 156 1.03 -5.63 16.00
C ASP A 156 1.62 -4.76 17.12
N GLN A 157 2.94 -4.59 17.09
CA GLN A 157 3.58 -3.71 18.07
C GLN A 157 3.03 -2.30 17.94
N PRO A 158 3.12 -1.48 18.97
CA PRO A 158 2.60 -0.10 18.87
C PRO A 158 3.27 0.73 17.79
N LEU A 159 2.58 1.80 17.46
CA LEU A 159 3.21 2.86 16.65
C LEU A 159 4.39 3.50 17.37
N THR A 160 5.51 3.65 16.66
CA THR A 160 6.67 4.32 17.22
C THR A 160 7.10 5.48 16.34
N GLY A 161 6.97 5.38 15.02
CA GLY A 161 7.57 6.41 14.17
C GLY A 161 9.08 6.37 14.21
N ALA A 162 9.69 5.29 14.73
CA ALA A 162 11.13 5.36 15.00
C ALA A 162 11.90 4.28 14.25
N TYR A 163 11.18 3.63 13.34
CA TYR A 163 11.75 2.56 12.52
C TYR A 163 12.82 3.11 11.58
N THR A 164 13.56 2.19 10.98
CA THR A 164 14.66 2.45 10.06
C THR A 164 14.21 2.06 8.64
N VAL A 165 14.55 2.87 7.65
CA VAL A 165 14.20 2.54 6.26
C VAL A 165 15.50 2.39 5.48
N THR A 166 15.68 1.18 4.94
CA THR A 166 16.83 0.93 4.10
C THR A 166 16.34 0.68 2.67
N LEU A 167 17.27 0.58 1.74
CA LEU A 167 16.90 0.42 0.35
C LEU A 167 17.22 -0.97 -0.19
N ASP A 168 17.73 -1.86 0.68
CA ASP A 168 18.21 -3.15 0.18
C ASP A 168 17.70 -4.35 0.96
N GLY A 169 16.80 -4.18 1.91
CA GLY A 169 16.25 -5.39 2.54
C GLY A 169 17.05 -5.83 3.74
N ARG A 170 18.16 -5.14 4.02
CA ARG A 170 18.89 -5.39 5.25
C ARG A 170 18.54 -4.28 6.23
N GLY A 171 18.43 -4.62 7.51
CA GLY A 171 18.06 -3.60 8.48
C GLY A 171 18.16 -4.15 9.89
N PRO A 172 17.76 -3.32 10.85
CA PRO A 172 17.83 -3.75 12.25
C PRO A 172 16.97 -4.96 12.57
N SER A 173 15.93 -5.28 11.82
CA SER A 173 15.14 -6.47 12.15
C SER A 173 14.39 -6.98 10.92
N ARG A 174 13.65 -8.05 11.12
CA ARG A 174 12.75 -8.59 10.10
C ARG A 174 11.31 -8.43 10.57
N VAL A 175 11.04 -7.34 11.29
CA VAL A 175 9.64 -7.06 11.62
C VAL A 175 9.37 -5.55 11.52
N ILE A 176 8.16 -5.22 11.12
CA ILE A 176 7.69 -3.84 11.19
C ILE A 176 6.28 -3.89 11.75
N SER A 177 5.97 -3.01 12.70
CA SER A 177 4.57 -3.02 13.15
C SER A 177 3.64 -2.49 12.05
N LYS A 178 2.42 -3.00 11.98
CA LYS A 178 1.45 -2.52 11.03
C LYS A 178 1.29 -1.01 11.17
N HIS A 179 1.34 -0.51 12.41
CA HIS A 179 1.18 0.93 12.61
C HIS A 179 2.35 1.72 12.05
N ASP A 180 3.56 1.22 12.29
CA ASP A 180 4.73 1.85 11.70
C ASP A 180 4.78 1.73 10.19
N LEU A 181 4.33 0.61 9.64
CA LEU A 181 4.24 0.50 8.18
C LEU A 181 3.30 1.55 7.62
N GLY A 182 2.14 1.74 8.23
CA GLY A 182 1.19 2.77 7.78
C GLY A 182 1.80 4.16 7.89
N HIS A 183 2.47 4.43 9.01
CA HIS A 183 3.14 5.71 9.21
C HIS A 183 4.15 5.96 8.11
N PHE A 184 4.86 4.91 7.70
CA PHE A 184 5.85 5.10 6.64
C PHE A 184 5.18 5.36 5.30
N MET A 185 4.08 4.64 5.02
CA MET A 185 3.39 4.93 3.77
C MET A 185 2.95 6.38 3.73
N LEU A 186 2.51 6.93 4.86
CA LEU A 186 2.16 8.35 4.85
C LEU A 186 3.38 9.24 4.71
N ARG A 187 4.49 8.83 5.31
CA ARG A 187 5.70 9.64 5.17
C ARG A 187 6.04 9.79 3.69
N CYS A 188 5.81 8.74 2.93
CA CYS A 188 6.22 8.78 1.52
C CYS A 188 5.40 9.77 0.71
N LEU A 189 4.30 10.26 1.29
CA LEU A 189 3.54 11.31 0.61
C LEU A 189 4.18 12.68 0.71
N THR A 190 5.17 12.88 1.59
CA THR A 190 5.67 14.24 1.78
C THR A 190 7.14 14.35 1.47
N THR A 191 7.64 13.33 0.77
CA THR A 191 9.02 13.43 0.27
C THR A 191 9.08 12.78 -1.11
N ASP A 192 10.02 13.19 -1.94
CA ASP A 192 10.25 12.45 -3.17
C ASP A 192 11.45 11.52 -3.03
N GLU A 193 12.06 11.45 -1.85
CA GLU A 193 13.38 10.79 -1.79
C GLU A 193 13.35 9.30 -2.07
N TYR A 194 12.18 8.68 -1.96
CA TYR A 194 12.03 7.27 -2.24
C TYR A 194 11.36 6.99 -3.58
N ASP A 195 10.98 8.03 -4.33
CA ASP A 195 10.36 7.76 -5.62
C ASP A 195 11.33 6.98 -6.51
N GLY A 196 10.84 5.90 -7.09
CA GLY A 196 11.63 5.10 -8.01
C GLY A 196 12.50 4.09 -7.28
N HIS A 197 12.39 4.01 -5.95
CA HIS A 197 13.18 3.10 -5.15
C HIS A 197 12.33 2.04 -4.46
N SER A 198 13.00 1.00 -3.98
CA SER A 198 12.41 -0.01 -3.12
C SER A 198 12.89 0.28 -1.71
N THR A 199 11.96 0.14 -0.78
CA THR A 199 12.23 0.54 0.61
C THR A 199 11.89 -0.60 1.55
N TYR A 200 12.64 -0.69 2.62
CA TYR A 200 12.57 -1.77 3.60
C TYR A 200 12.48 -1.16 4.99
N PRO A 201 11.27 -0.99 5.51
CA PRO A 201 11.11 -0.48 6.87
C PRO A 201 11.17 -1.60 7.89
N SER A 202 11.95 -1.40 8.95
CA SER A 202 12.04 -2.40 10.01
C SER A 202 12.49 -1.68 11.29
N HIS A 203 12.25 -2.40 12.37
CA HIS A 203 12.55 -1.85 13.70
C HIS A 203 12.71 -2.95 14.74
N GLN A 204 13.56 -2.71 15.72
CA GLN A 204 13.56 -3.58 16.90
C GLN A 204 12.64 -3.02 17.96
N TYR A 205 11.54 -3.70 18.27
CA TYR A 205 10.56 -3.27 19.25
C TYR A 205 10.93 -3.68 20.68
PA NAP B . -4.66 -7.81 4.32
O1A NAP B . -4.55 -9.00 3.51
O2A NAP B . -4.94 -7.77 5.80
O5B NAP B . -5.76 -6.90 3.61
C5B NAP B . -5.93 -6.99 2.18
C4B NAP B . -6.77 -5.75 1.87
O4B NAP B . -7.03 -5.83 0.42
C3B NAP B . -8.20 -5.75 2.49
O3B NAP B . -8.57 -4.40 2.65
C2B NAP B . -9.01 -6.36 1.38
O2B NAP B . -10.40 -6.06 1.47
C1B NAP B . -8.42 -5.65 0.16
N9A NAP B . -8.81 -6.41 -1.02
C8A NAP B . -8.53 -7.70 -1.40
N7A NAP B . -9.15 -8.03 -2.54
C5A NAP B . -9.75 -6.88 -2.96
C6A NAP B . -10.57 -6.64 -4.07
N6A NAP B . -10.82 -7.50 -5.04
N1A NAP B . -11.12 -5.35 -4.16
C2A NAP B . -10.87 -4.36 -3.20
N3A NAP B . -10.08 -4.58 -2.11
C4A NAP B . -9.57 -5.89 -1.98
O3 NAP B . -3.31 -7.01 4.18
PN NAP B . -2.08 -6.72 5.10
O1N NAP B . -1.92 -7.87 6.00
O2N NAP B . -2.14 -5.35 5.69
O5D NAP B . -0.88 -6.84 4.06
C5D NAP B . -0.58 -5.73 3.15
C4D NAP B . 0.35 -6.29 2.10
O4D NAP B . 1.57 -6.72 2.72
C3D NAP B . -0.20 -7.59 1.41
O3D NAP B . -0.02 -7.56 -0.02
C2D NAP B . 0.64 -8.71 2.04
O2D NAP B . 0.84 -9.84 1.23
C1D NAP B . 1.96 -8.02 2.19
N1N NAP B . 2.80 -8.44 3.31
C2N NAP B . 2.26 -9.12 4.47
C3N NAP B . 3.17 -9.47 5.47
C7N NAP B . 2.68 -10.18 6.74
O7N NAP B . 3.56 -10.40 7.53
N7N NAP B . 1.40 -10.46 6.80
C4N NAP B . 4.58 -9.12 5.36
C5N NAP B . 5.10 -8.46 4.21
C6N NAP B . 4.17 -8.10 3.15
P2B NAP B . -11.48 -6.86 2.39
O1X NAP B . -11.42 -6.19 3.75
O2X NAP B . -12.71 -6.52 1.61
O3X NAP B . -11.05 -8.31 2.44
N1 FMN C . 2.42 -14.03 5.79
C2 FMN C . 1.23 -14.03 5.12
O2 FMN C . 0.26 -14.66 5.48
N3 FMN C . 1.14 -13.36 3.86
C4 FMN C . 2.17 -12.74 3.24
O4 FMN C . 1.94 -12.13 2.19
C4A FMN C . 3.42 -12.69 3.99
N5 FMN C . 4.48 -12.06 3.51
C5A FMN C . 5.63 -12.00 4.23
C6 FMN C . 6.75 -11.26 3.69
C7 FMN C . 7.94 -11.13 4.34
C7M FMN C . 9.11 -10.36 3.72
C8 FMN C . 8.12 -11.72 5.68
C8M FMN C . 9.43 -11.60 6.42
C9 FMN C . 7.05 -12.46 6.20
C9A FMN C . 5.81 -12.61 5.55
N10 FMN C . 4.67 -13.33 6.04
C10 FMN C . 3.47 -13.38 5.31
C1' FMN C . 4.75 -13.99 7.37
C2' FMN C . 3.36 -14.19 7.98
O2' FMN C . 2.74 -12.95 8.34
C3' FMN C . 3.40 -15.06 9.26
O3' FMN C . 3.53 -16.49 8.92
C4' FMN C . 2.18 -14.89 10.14
O4' FMN C . 2.60 -14.69 11.51
C5' FMN C . 1.23 -16.07 10.13
O5' FMN C . 0.12 -15.82 11.02
P FMN C . -1.25 -16.58 10.87
O1P FMN C . -1.79 -16.29 9.49
O2P FMN C . -1.00 -18.05 11.12
O3P FMN C . -2.13 -15.99 12.03
#